data_6CVS
#
_entry.id   6CVS
#
_cell.length_a   40.384
_cell.length_b   116.316
_cell.length_c   117.559
_cell.angle_alpha   90.000
_cell.angle_beta   90.000
_cell.angle_gamma   90.000
#
_symmetry.space_group_name_H-M   'P 21 21 21'
#
loop_
_entity.id
_entity.type
_entity.pdbx_description
1 polymer Aprataxin
2 polymer "DNA (5'-D(P*GP*TP*TP*CP*TP*AP*GP*AP*AP*C)-3')"
3 non-polymer 'ADENOSINE MONOPHOSPHATE'
4 non-polymer 'ZINC ION'
5 non-polymer BETA-MERCAPTOETHANOL
6 water water
#
loop_
_entity_poly.entity_id
_entity_poly.type
_entity_poly.pdbx_seq_one_letter_code
_entity_poly.pdbx_strand_id
1 'polypeptide(L)'
;GSHMGHWSQGLKISMQDPKMQVYKDEQVVVIKDKYPKARYHWLVLPWTSISSLKAVAREHLELLKHMHTVGEKVIVDFAG
SSKLRFRMGYHAIPSMSHVHLHVISQDFDSPCLKNKKHWNSFNTEYFLESQAVIEMVQEAGRVTVRDGMPELLKLPLRCH
ECQQLLPSIPQLKEHLRKHWTQ
;
A,B
2 'polydeoxyribonucleotide' (DG)(DT)(DT)(DC)(DT)(DA)(DG)(DA)(DA)(DC) D,E,G,H
#
# COMPACT_ATOMS: atom_id res chain seq x y z
N GLY A 1 -33.91 -1.62 2.64
CA GLY A 1 -33.22 -1.83 1.38
C GLY A 1 -33.35 -3.25 0.87
N SER A 2 -32.72 -3.53 -0.27
CA SER A 2 -32.81 -4.84 -0.88
C SER A 2 -31.82 -5.81 -0.22
N HIS A 3 -32.08 -7.11 -0.42
CA HIS A 3 -31.15 -8.12 0.07
C HIS A 3 -29.86 -8.13 -0.74
N MET A 4 -29.97 -8.12 -2.07
CA MET A 4 -28.78 -8.17 -2.92
C MET A 4 -27.90 -6.95 -2.70
N GLY A 5 -28.50 -5.80 -2.42
CA GLY A 5 -27.77 -4.57 -2.19
C GLY A 5 -27.31 -4.35 -0.77
N HIS A 6 -27.65 -5.24 0.15
CA HIS A 6 -27.27 -5.05 1.54
C HIS A 6 -25.77 -5.16 1.72
N TRP A 7 -25.24 -4.41 2.68
CA TRP A 7 -23.80 -4.35 2.87
C TRP A 7 -23.23 -5.74 3.13
N SER A 8 -24.01 -6.64 3.74
CA SER A 8 -23.49 -7.96 4.10
C SER A 8 -23.29 -8.86 2.88
N GLN A 9 -23.85 -8.49 1.73
CA GLN A 9 -23.70 -9.26 0.51
C GLN A 9 -22.61 -8.69 -0.41
N GLY A 10 -21.81 -7.75 0.08
CA GLY A 10 -20.87 -7.05 -0.78
C GLY A 10 -19.81 -7.93 -1.40
N LEU A 11 -19.41 -9.01 -0.71
CA LEU A 11 -18.37 -9.87 -1.25
C LEU A 11 -18.82 -10.57 -2.53
N LYS A 12 -20.11 -10.90 -2.63
CA LYS A 12 -20.62 -11.52 -3.85
C LYS A 12 -20.46 -10.58 -5.04
N ILE A 13 -20.39 -9.28 -4.79
CA ILE A 13 -20.14 -8.33 -5.87
CA ILE A 13 -20.14 -8.31 -5.85
C ILE A 13 -18.65 -8.22 -6.16
N SER A 14 -17.84 -8.04 -5.12
CA SER A 14 -16.41 -7.84 -5.31
C SER A 14 -15.76 -9.07 -5.97
N MET A 15 -16.18 -10.27 -5.58
CA MET A 15 -15.53 -11.46 -6.11
C MET A 15 -15.72 -11.60 -7.61
N GLN A 16 -16.64 -10.86 -8.21
CA GLN A 16 -16.84 -10.87 -9.65
C GLN A 16 -16.25 -9.65 -10.34
N ASP A 17 -15.57 -8.77 -9.60
CA ASP A 17 -15.05 -7.52 -10.15
C ASP A 17 -13.64 -7.77 -10.66
N PRO A 18 -13.39 -7.72 -11.97
CA PRO A 18 -12.03 -8.01 -12.47
C PRO A 18 -10.95 -7.13 -11.87
N LYS A 19 -11.28 -5.89 -11.51
CA LYS A 19 -10.27 -4.98 -10.96
C LYS A 19 -9.86 -5.36 -9.55
N MET A 20 -10.65 -6.17 -8.86
CA MET A 20 -10.32 -6.63 -7.52
C MET A 20 -9.73 -8.03 -7.50
N GLN A 21 -9.88 -8.79 -8.58
CA GLN A 21 -9.36 -10.15 -8.64
C GLN A 21 -7.87 -10.15 -8.92
N VAL A 22 -7.12 -10.88 -8.08
CA VAL A 22 -5.69 -11.10 -8.32
C VAL A 22 -5.39 -12.52 -8.75
N TYR A 23 -6.34 -13.45 -8.66
CA TYR A 23 -6.13 -14.84 -9.02
C TYR A 23 -7.47 -15.52 -9.20
N LYS A 24 -7.54 -16.42 -10.18
CA LYS A 24 -8.73 -17.19 -10.48
C LYS A 24 -8.32 -18.57 -10.96
N ASP A 25 -9.04 -19.59 -10.52
CA ASP A 25 -8.94 -20.91 -11.15
C ASP A 25 -10.35 -21.48 -11.22
N GLU A 26 -10.43 -22.80 -11.42
CA GLU A 26 -11.72 -23.46 -11.61
CA GLU A 26 -11.73 -23.45 -11.61
C GLU A 26 -12.53 -23.58 -10.33
N GLN A 27 -11.94 -23.27 -9.17
CA GLN A 27 -12.59 -23.47 -7.88
C GLN A 27 -12.76 -22.19 -7.07
N VAL A 28 -11.78 -21.28 -7.10
CA VAL A 28 -11.75 -20.16 -6.18
C VAL A 28 -11.32 -18.90 -6.92
N VAL A 29 -11.56 -17.77 -6.25
CA VAL A 29 -11.07 -16.47 -6.67
C VAL A 29 -10.40 -15.83 -5.46
N VAL A 30 -9.37 -15.05 -5.72
CA VAL A 30 -8.69 -14.25 -4.70
C VAL A 30 -8.89 -12.79 -5.06
N ILE A 31 -9.36 -12.01 -4.09
CA ILE A 31 -9.54 -10.57 -4.28
C ILE A 31 -8.77 -9.84 -3.20
N LYS A 32 -8.41 -8.59 -3.51
CA LYS A 32 -7.92 -7.69 -2.48
C LYS A 32 -9.05 -7.34 -1.52
N ASP A 33 -8.74 -7.34 -0.23
CA ASP A 33 -9.69 -6.85 0.76
C ASP A 33 -9.96 -5.36 0.51
N LYS A 34 -11.24 -5.00 0.46
CA LYS A 34 -11.59 -3.61 0.16
C LYS A 34 -11.11 -2.66 1.25
N TYR A 35 -10.96 -3.16 2.48
CA TYR A 35 -10.53 -2.36 3.62
C TYR A 35 -9.38 -3.08 4.31
N PRO A 36 -8.23 -3.17 3.65
CA PRO A 36 -7.15 -4.02 4.16
C PRO A 36 -6.68 -3.58 5.54
N LYS A 37 -6.50 -4.56 6.41
CA LYS A 37 -6.07 -4.32 7.78
C LYS A 37 -4.57 -4.47 7.96
N ALA A 38 -3.83 -4.69 6.86
CA ALA A 38 -2.38 -4.73 6.89
C ALA A 38 -1.88 -4.40 5.49
N ARG A 39 -0.56 -4.46 5.30
CA ARG A 39 0.02 -4.11 4.00
C ARG A 39 -0.44 -5.07 2.91
N TYR A 40 -0.61 -6.35 3.25
CA TYR A 40 -1.15 -7.35 2.35
C TYR A 40 -2.36 -7.99 3.02
N HIS A 41 -3.50 -7.94 2.35
CA HIS A 41 -4.73 -8.50 2.90
C HIS A 41 -5.61 -8.92 1.74
N TRP A 42 -5.64 -10.23 1.46
CA TRP A 42 -6.49 -10.80 0.43
C TRP A 42 -7.57 -11.67 1.06
N LEU A 43 -8.62 -11.92 0.27
CA LEU A 43 -9.68 -12.85 0.63
C LEU A 43 -9.78 -13.91 -0.45
N VAL A 44 -9.69 -15.18 -0.05
CA VAL A 44 -9.88 -16.30 -0.96
C VAL A 44 -11.31 -16.80 -0.81
N LEU A 45 -12.06 -16.79 -1.92
CA LEU A 45 -13.46 -17.20 -1.90
C LEU A 45 -13.68 -18.30 -2.92
N PRO A 46 -14.46 -19.33 -2.60
CA PRO A 46 -14.85 -20.29 -3.64
C PRO A 46 -15.91 -19.69 -4.55
N TRP A 47 -15.92 -20.17 -5.80
CA TRP A 47 -16.98 -19.77 -6.71
C TRP A 47 -18.33 -20.22 -6.18
N THR A 48 -18.40 -21.42 -5.63
CA THR A 48 -19.67 -21.93 -5.12
C THR A 48 -20.05 -21.20 -3.82
N SER A 49 -21.36 -21.04 -3.62
CA SER A 49 -21.86 -20.17 -2.56
CA SER A 49 -21.86 -20.17 -2.56
C SER A 49 -22.07 -20.99 -1.29
N ILE A 50 -21.29 -20.71 -0.26
CA ILE A 50 -21.45 -21.26 1.07
C ILE A 50 -21.56 -20.06 2.01
N SER A 51 -22.70 -19.95 2.71
CA SER A 51 -22.99 -18.74 3.47
C SER A 51 -21.90 -18.45 4.49
N SER A 52 -21.53 -19.44 5.30
CA SER A 52 -20.46 -19.28 6.28
C SER A 52 -19.95 -20.67 6.66
N LEU A 53 -19.01 -20.70 7.60
CA LEU A 53 -18.50 -21.97 8.09
C LEU A 53 -19.60 -22.82 8.74
N LYS A 54 -20.71 -22.19 9.14
CA LYS A 54 -21.83 -22.94 9.70
C LYS A 54 -22.41 -23.93 8.68
N ALA A 55 -22.25 -23.65 7.39
CA ALA A 55 -22.78 -24.50 6.34
C ALA A 55 -21.72 -25.44 5.75
N VAL A 56 -20.53 -25.48 6.32
CA VAL A 56 -19.45 -26.30 5.79
C VAL A 56 -19.61 -27.74 6.27
N ALA A 57 -19.35 -28.69 5.38
CA ALA A 57 -19.40 -30.11 5.69
C ALA A 57 -18.18 -30.78 5.07
N ARG A 58 -18.07 -32.10 5.28
CA ARG A 58 -16.92 -32.81 4.76
C ARG A 58 -16.86 -32.79 3.23
N GLU A 59 -18.00 -32.56 2.56
CA GLU A 59 -17.96 -32.42 1.11
C GLU A 59 -17.08 -31.25 0.69
N HIS A 60 -16.85 -30.30 1.59
CA HIS A 60 -16.09 -29.08 1.27
C HIS A 60 -14.63 -29.17 1.72
N LEU A 61 -14.19 -30.33 2.22
CA LEU A 61 -12.85 -30.44 2.79
C LEU A 61 -11.77 -30.18 1.73
N GLU A 62 -11.92 -30.79 0.56
CA GLU A 62 -10.98 -30.53 -0.53
C GLU A 62 -10.94 -29.05 -0.88
N LEU A 63 -12.11 -28.42 -0.94
CA LEU A 63 -12.18 -26.99 -1.27
C LEU A 63 -11.46 -26.15 -0.23
N LEU A 64 -11.67 -26.46 1.06
CA LEU A 64 -11.00 -25.69 2.11
C LEU A 64 -9.49 -25.81 2.02
N LYS A 65 -9.00 -27.02 1.71
CA LYS A 65 -7.57 -27.22 1.56
C LYS A 65 -7.03 -26.51 0.32
N HIS A 66 -7.81 -26.51 -0.76
CA HIS A 66 -7.39 -25.79 -1.96
C HIS A 66 -7.30 -24.30 -1.71
N MET A 67 -8.31 -23.72 -1.02
CA MET A 67 -8.24 -22.32 -0.65
C MET A 67 -6.97 -22.03 0.13
N HIS A 68 -6.61 -22.92 1.06
CA HIS A 68 -5.39 -22.76 1.84
C HIS A 68 -4.15 -22.74 0.94
N THR A 69 -4.08 -23.68 -0.01
CA THR A 69 -2.92 -23.75 -0.90
CA THR A 69 -2.92 -23.75 -0.88
C THR A 69 -2.85 -22.54 -1.81
N VAL A 70 -4.01 -22.06 -2.29
CA VAL A 70 -4.01 -20.88 -3.15
C VAL A 70 -3.56 -19.66 -2.37
N GLY A 71 -3.96 -19.56 -1.10
CA GLY A 71 -3.49 -18.46 -0.28
C GLY A 71 -1.99 -18.42 -0.17
N GLU A 72 -1.37 -19.59 0.07
CA GLU A 72 0.09 -19.64 0.16
C GLU A 72 0.74 -19.26 -1.16
N LYS A 73 0.16 -19.70 -2.28
CA LYS A 73 0.71 -19.32 -3.59
C LYS A 73 0.67 -17.81 -3.77
N VAL A 74 -0.46 -17.17 -3.45
CA VAL A 74 -0.57 -15.73 -3.59
C VAL A 74 0.50 -15.02 -2.75
N ILE A 75 0.73 -15.51 -1.53
CA ILE A 75 1.77 -14.93 -0.69
C ILE A 75 3.12 -14.97 -1.40
N VAL A 76 3.45 -16.11 -2.01
CA VAL A 76 4.72 -16.23 -2.71
C VAL A 76 4.75 -15.30 -3.92
N ASP A 77 3.71 -15.34 -4.74
CA ASP A 77 3.73 -14.63 -6.02
C ASP A 77 3.67 -13.11 -5.83
N PHE A 78 3.04 -12.62 -4.76
CA PHE A 78 2.84 -11.20 -4.59
C PHE A 78 3.66 -10.57 -3.47
N ALA A 79 4.11 -11.35 -2.48
CA ALA A 79 4.91 -10.80 -1.39
C ALA A 79 6.04 -11.74 -1.01
N GLY A 80 6.56 -12.51 -1.97
CA GLY A 80 7.59 -13.48 -1.64
C GLY A 80 8.86 -12.83 -1.13
N SER A 81 9.31 -11.78 -1.81
CA SER A 81 10.57 -11.13 -1.46
C SER A 81 10.46 -10.26 -0.21
N SER A 82 9.26 -10.01 0.29
CA SER A 82 9.10 -9.18 1.48
C SER A 82 9.49 -9.92 2.74
N LYS A 83 9.39 -11.24 2.75
CA LYS A 83 9.69 -12.06 3.92
C LYS A 83 8.87 -11.62 5.13
N LEU A 84 7.66 -11.11 4.90
CA LEU A 84 6.74 -10.82 5.99
C LEU A 84 6.11 -12.09 6.51
N ARG A 85 5.76 -12.08 7.79
CA ARG A 85 4.98 -13.16 8.35
C ARG A 85 3.52 -13.00 7.96
N PHE A 86 2.88 -14.12 7.64
CA PHE A 86 1.48 -14.14 7.25
C PHE A 86 0.71 -15.12 8.12
N ARG A 87 -0.56 -14.82 8.31
CA ARG A 87 -1.52 -15.76 8.88
C ARG A 87 -2.70 -15.90 7.92
N MET A 88 -3.30 -17.07 7.93
CA MET A 88 -4.49 -17.36 7.15
C MET A 88 -5.53 -17.98 8.06
N GLY A 89 -6.77 -17.52 7.95
CA GLY A 89 -7.81 -18.05 8.81
C GLY A 89 -9.15 -17.39 8.56
N TYR A 90 -10.09 -17.70 9.44
CA TYR A 90 -11.47 -17.25 9.36
C TYR A 90 -11.87 -16.60 10.66
N HIS A 91 -12.73 -15.59 10.56
CA HIS A 91 -13.33 -15.00 11.75
C HIS A 91 -14.41 -15.92 12.30
N ALA A 92 -14.35 -16.17 13.61
CA ALA A 92 -15.27 -17.13 14.23
C ALA A 92 -16.72 -16.73 14.02
N ILE A 93 -16.99 -15.43 13.95
CA ILE A 93 -18.32 -14.92 13.63
C ILE A 93 -18.13 -13.88 12.53
N PRO A 94 -18.42 -14.21 11.26
CA PRO A 94 -18.21 -13.23 10.19
C PRO A 94 -19.34 -12.22 10.12
N SER A 95 -19.05 -11.11 9.45
CA SER A 95 -20.06 -10.11 9.13
C SER A 95 -20.57 -10.26 7.70
N MET A 96 -19.66 -10.54 6.77
CA MET A 96 -19.98 -10.64 5.36
C MET A 96 -20.32 -12.07 4.98
N SER A 97 -21.37 -12.22 4.19
CA SER A 97 -21.77 -13.55 3.71
C SER A 97 -20.79 -14.06 2.65
N HIS A 98 -20.87 -15.38 2.41
CA HIS A 98 -20.02 -16.10 1.48
C HIS A 98 -18.68 -16.43 2.12
N VAL A 99 -18.43 -17.72 2.34
CA VAL A 99 -17.21 -18.16 3.02
C VAL A 99 -16.00 -17.51 2.36
N HIS A 100 -15.09 -16.99 3.20
CA HIS A 100 -13.89 -16.34 2.68
C HIS A 100 -12.74 -16.54 3.65
N LEU A 101 -11.58 -16.89 3.10
CA LEU A 101 -10.36 -17.08 3.87
C LEU A 101 -9.55 -15.79 3.88
N HIS A 102 -9.26 -15.29 5.06
CA HIS A 102 -8.37 -14.15 5.22
C HIS A 102 -6.92 -14.58 5.01
N VAL A 103 -6.18 -13.77 4.25
CA VAL A 103 -4.75 -13.94 4.05
C VAL A 103 -4.13 -12.57 4.31
N ILE A 104 -3.48 -12.42 5.47
CA ILE A 104 -3.14 -11.08 5.97
C ILE A 104 -1.73 -11.09 6.54
N SER A 105 -0.93 -10.11 6.14
CA SER A 105 0.41 -9.94 6.69
C SER A 105 0.33 -9.41 8.11
N GLN A 106 1.36 -9.74 8.91
CA GLN A 106 1.32 -9.50 10.35
C GLN A 106 1.95 -8.17 10.76
N ASP A 107 2.13 -7.26 9.81
CA ASP A 107 2.50 -5.88 10.17
C ASP A 107 1.31 -5.14 10.77
N PHE A 108 0.10 -5.42 10.31
CA PHE A 108 -1.10 -4.65 10.70
C PHE A 108 -0.85 -3.16 10.57
N ASP A 109 -0.18 -2.76 9.49
CA ASP A 109 0.10 -1.36 9.19
C ASP A 109 -0.86 -0.91 8.11
N SER A 110 -1.99 -0.33 8.53
CA SER A 110 -3.01 0.10 7.59
C SER A 110 -3.88 1.16 8.22
N PRO A 111 -4.26 2.22 7.49
CA PRO A 111 -5.23 3.18 8.07
C PRO A 111 -6.61 2.59 8.28
N CYS A 112 -6.93 1.48 7.61
CA CYS A 112 -8.25 0.86 7.79
C CYS A 112 -8.38 0.14 9.13
N LEU A 113 -7.28 -0.14 9.80
CA LEU A 113 -7.32 -0.71 11.14
C LEU A 113 -7.56 0.44 12.12
N LYS A 114 -8.80 0.56 12.61
CA LYS A 114 -9.23 1.75 13.33
C LYS A 114 -9.79 1.51 14.73
N ASN A 115 -10.25 0.29 15.05
CA ASN A 115 -10.93 0.07 16.33
C ASN A 115 -10.51 -1.26 16.94
N LYS A 116 -10.99 -1.47 18.18
CA LYS A 116 -10.59 -2.62 18.96
C LYS A 116 -11.11 -3.92 18.35
N LYS A 117 -12.33 -3.90 17.79
CA LYS A 117 -12.85 -5.09 17.15
C LYS A 117 -11.94 -5.55 16.00
N HIS A 118 -11.47 -4.61 15.19
CA HIS A 118 -10.51 -4.96 14.15
C HIS A 118 -9.34 -5.74 14.72
N TRP A 119 -8.69 -5.19 15.75
CA TRP A 119 -7.48 -5.79 16.30
C TRP A 119 -7.77 -7.17 16.87
N ASN A 120 -8.78 -7.28 17.74
CA ASN A 120 -9.05 -8.55 18.41
C ASN A 120 -9.64 -9.59 17.48
N SER A 121 -10.23 -9.19 16.35
CA SER A 121 -10.74 -10.16 15.39
C SER A 121 -9.62 -10.90 14.68
N PHE A 122 -8.40 -10.34 14.66
CA PHE A 122 -7.26 -10.99 14.05
C PHE A 122 -6.22 -11.45 15.06
N ASN A 123 -6.40 -11.15 16.35
CA ASN A 123 -5.34 -11.41 17.32
C ASN A 123 -5.88 -12.03 18.62
N THR A 124 -6.99 -12.75 18.54
CA THR A 124 -7.49 -13.57 19.64
C THR A 124 -7.95 -14.89 19.06
N GLU A 125 -8.57 -15.71 19.90
CA GLU A 125 -9.17 -16.96 19.43
C GLU A 125 -10.20 -16.70 18.34
N TYR A 126 -10.80 -15.50 18.32
CA TYR A 126 -11.75 -15.12 17.29
C TYR A 126 -11.24 -15.44 15.88
N PHE A 127 -9.93 -15.35 15.69
CA PHE A 127 -9.30 -15.67 14.41
C PHE A 127 -9.02 -17.18 14.38
N LEU A 128 -9.82 -17.91 13.62
CA LEU A 128 -9.65 -19.36 13.51
C LEU A 128 -8.61 -19.66 12.45
N GLU A 129 -7.54 -20.37 12.84
CA GLU A 129 -6.51 -20.76 11.89
C GLU A 129 -7.10 -21.61 10.77
N SER A 130 -6.63 -21.38 9.54
CA SER A 130 -7.11 -22.17 8.41
C SER A 130 -6.86 -23.65 8.65
N GLN A 131 -5.68 -24.01 9.15
CA GLN A 131 -5.35 -25.41 9.40
C GLN A 131 -6.27 -26.01 10.47
N ALA A 132 -6.61 -25.23 11.49
CA ALA A 132 -7.51 -25.73 12.52
C ALA A 132 -8.91 -25.97 11.98
N VAL A 133 -9.43 -25.03 11.18
CA VAL A 133 -10.73 -25.24 10.53
C VAL A 133 -10.70 -26.51 9.68
N ILE A 134 -9.67 -26.64 8.85
CA ILE A 134 -9.54 -27.80 7.98
C ILE A 134 -9.56 -29.09 8.80
N GLU A 135 -8.77 -29.14 9.87
CA GLU A 135 -8.70 -30.35 10.66
C GLU A 135 -10.00 -30.61 11.41
N MET A 136 -10.69 -29.56 11.84
CA MET A 136 -11.97 -29.73 12.52
C MET A 136 -13.03 -30.32 11.59
N VAL A 137 -13.05 -29.86 10.34
CA VAL A 137 -13.99 -30.42 9.36
C VAL A 137 -13.66 -31.88 9.09
N GLN A 138 -12.37 -32.21 9.02
CA GLN A 138 -11.97 -33.57 8.69
C GLN A 138 -12.35 -34.54 9.82
N GLU A 139 -12.06 -34.16 11.06
CA GLU A 139 -12.24 -35.06 12.20
C GLU A 139 -13.66 -35.05 12.76
N ALA A 140 -14.29 -33.88 12.79
CA ALA A 140 -15.62 -33.73 13.37
C ALA A 140 -16.73 -33.56 12.34
N GLY A 141 -16.38 -33.24 11.09
CA GLY A 141 -17.37 -33.12 10.04
C GLY A 141 -18.13 -31.82 10.00
N ARG A 142 -17.80 -30.86 10.86
CA ARG A 142 -18.48 -29.57 10.90
C ARG A 142 -17.64 -28.62 11.73
N VAL A 143 -17.92 -27.33 11.57
CA VAL A 143 -17.22 -26.27 12.30
C VAL A 143 -18.10 -25.83 13.46
N THR A 144 -17.55 -25.90 14.67
CA THR A 144 -18.20 -25.38 15.87
C THR A 144 -17.27 -24.41 16.58
N VAL A 145 -17.86 -23.38 17.18
CA VAL A 145 -17.12 -22.38 17.92
C VAL A 145 -17.70 -22.30 19.33
N ARG A 146 -16.84 -22.01 20.30
CA ARG A 146 -17.29 -21.93 21.68
C ARG A 146 -18.07 -20.64 21.91
N ASP A 147 -18.80 -20.62 23.03
CA ASP A 147 -19.44 -19.40 23.48
C ASP A 147 -18.39 -18.37 23.86
N GLY A 148 -18.79 -17.10 23.88
CA GLY A 148 -17.93 -16.04 24.35
C GLY A 148 -17.12 -15.35 23.28
N MET A 149 -17.31 -15.70 22.00
CA MET A 149 -16.56 -15.03 20.95
C MET A 149 -16.80 -13.53 20.95
N PRO A 150 -18.04 -13.02 21.09
CA PRO A 150 -18.22 -11.56 21.12
C PRO A 150 -17.47 -10.86 22.24
N GLU A 151 -17.28 -11.53 23.39
CA GLU A 151 -16.56 -10.91 24.49
C GLU A 151 -15.08 -10.75 24.17
N LEU A 152 -14.53 -11.64 23.33
CA LEU A 152 -13.11 -11.53 22.95
C LEU A 152 -12.83 -10.23 22.23
N LEU A 153 -13.80 -9.71 21.47
CA LEU A 153 -13.60 -8.45 20.77
C LEU A 153 -13.47 -7.27 21.72
N LYS A 154 -13.81 -7.46 23.00
CA LYS A 154 -13.71 -6.40 24.00
C LYS A 154 -12.43 -6.49 24.82
N LEU A 155 -11.53 -7.41 24.50
CA LEU A 155 -10.35 -7.61 25.34
C LEU A 155 -9.42 -6.40 25.25
N PRO A 156 -8.63 -6.14 26.31
CA PRO A 156 -7.64 -5.07 26.24
C PRO A 156 -6.67 -5.28 25.08
N LEU A 157 -6.19 -4.16 24.54
CA LEU A 157 -5.29 -4.21 23.39
C LEU A 157 -3.92 -4.73 23.82
N ARG A 158 -3.46 -5.79 23.15
CA ARG A 158 -2.18 -6.40 23.48
C ARG A 158 -1.42 -6.69 22.19
N CYS A 159 -0.15 -6.29 22.16
CA CYS A 159 0.68 -6.53 20.99
C CYS A 159 0.79 -8.02 20.70
N HIS A 160 0.76 -8.38 19.43
CA HIS A 160 0.86 -9.78 19.04
C HIS A 160 2.29 -10.29 18.96
N GLU A 161 3.28 -9.40 18.98
CA GLU A 161 4.69 -9.78 18.87
C GLU A 161 5.38 -9.88 20.22
N CYS A 162 5.16 -8.90 21.10
CA CYS A 162 5.79 -8.88 22.42
C CYS A 162 4.77 -8.89 23.56
N GLN A 163 3.48 -8.92 23.26
CA GLN A 163 2.43 -9.05 24.27
C GLN A 163 2.32 -7.83 25.18
N GLN A 164 2.93 -6.71 24.81
CA GLN A 164 2.80 -5.51 25.62
C GLN A 164 1.37 -4.97 25.56
N LEU A 165 0.87 -4.52 26.72
CA LEU A 165 -0.45 -3.95 26.80
C LEU A 165 -0.41 -2.49 26.35
N LEU A 166 -1.36 -2.10 25.50
CA LEU A 166 -1.46 -0.73 25.05
C LEU A 166 -2.84 -0.15 25.39
N PRO A 167 -2.91 1.12 25.78
CA PRO A 167 -4.19 1.68 26.25
C PRO A 167 -5.15 2.11 25.16
N SER A 168 -4.70 2.26 23.90
CA SER A 168 -5.57 2.77 22.86
C SER A 168 -5.10 2.31 21.49
N ILE A 169 -6.01 2.37 20.52
CA ILE A 169 -5.66 2.03 19.14
C ILE A 169 -4.51 2.89 18.63
N PRO A 170 -4.56 4.22 18.72
CA PRO A 170 -3.42 5.00 18.23
C PRO A 170 -2.10 4.63 18.88
N GLN A 171 -2.08 4.42 20.20
CA GLN A 171 -0.86 4.01 20.86
C GLN A 171 -0.44 2.61 20.43
N LEU A 172 -1.40 1.73 20.13
CA LEU A 172 -1.06 0.42 19.59
C LEU A 172 -0.42 0.56 18.21
N LYS A 173 -1.08 1.29 17.30
CA LYS A 173 -0.54 1.44 15.96
C LYS A 173 0.88 2.00 16.00
N GLU A 174 1.14 2.93 16.92
CA GLU A 174 2.49 3.48 17.04
C GLU A 174 3.46 2.43 17.56
N HIS A 175 3.01 1.59 18.50
CA HIS A 175 3.88 0.54 19.03
C HIS A 175 4.24 -0.47 17.96
N LEU A 176 3.28 -0.82 17.09
CA LEU A 176 3.54 -1.85 16.07
C LEU A 176 4.66 -1.43 15.14
N ARG A 177 4.89 -0.12 14.96
CA ARG A 177 6.01 0.33 14.14
C ARG A 177 7.33 -0.27 14.62
N LYS A 178 7.46 -0.50 15.93
CA LYS A 178 8.71 -0.98 16.49
C LYS A 178 9.09 -2.38 15.99
N HIS A 179 8.12 -3.16 15.51
CA HIS A 179 8.35 -4.53 15.11
C HIS A 179 8.53 -4.70 13.61
N TRP A 180 8.70 -3.61 12.87
CA TRP A 180 8.91 -3.69 11.42
C TRP A 180 10.26 -4.30 11.11
N HIS B 3 6.07 8.84 -32.10
CA HIS B 3 6.07 9.36 -30.74
CA HIS B 3 6.07 9.36 -30.74
C HIS B 3 7.50 9.70 -30.30
N MET B 4 7.78 9.63 -29.00
CA MET B 4 9.02 10.13 -28.44
C MET B 4 10.22 9.29 -28.92
N GLY B 5 11.39 9.92 -28.89
CA GLY B 5 12.61 9.30 -29.36
C GLY B 5 13.22 8.35 -28.35
N HIS B 6 14.36 7.78 -28.76
CA HIS B 6 15.01 6.75 -27.96
C HIS B 6 15.42 7.27 -26.59
N TRP B 7 15.77 8.55 -26.48
CA TRP B 7 16.17 9.11 -25.20
C TRP B 7 15.12 8.85 -24.13
N SER B 8 13.84 8.87 -24.51
CA SER B 8 12.76 8.75 -23.53
C SER B 8 12.62 7.34 -22.96
N GLN B 9 13.32 6.36 -23.53
CA GLN B 9 13.26 5.00 -23.01
CA GLN B 9 13.28 4.98 -23.05
C GLN B 9 14.34 4.72 -21.98
N GLY B 10 15.22 5.69 -21.69
CA GLY B 10 16.31 5.43 -20.78
C GLY B 10 15.84 5.12 -19.37
N LEU B 11 14.78 5.77 -18.91
CA LEU B 11 14.27 5.51 -17.57
C LEU B 11 13.82 4.06 -17.44
N LYS B 12 13.02 3.59 -18.40
CA LYS B 12 12.57 2.20 -18.39
C LYS B 12 13.76 1.24 -18.43
N ILE B 13 14.80 1.59 -19.19
CA ILE B 13 15.97 0.73 -19.29
C ILE B 13 16.74 0.71 -17.98
N SER B 14 16.85 1.86 -17.31
CA SER B 14 17.55 1.91 -16.04
C SER B 14 16.80 1.18 -14.94
N MET B 15 15.47 1.16 -15.00
CA MET B 15 14.70 0.35 -14.06
C MET B 15 15.16 -1.09 -14.06
N GLN B 16 15.52 -1.61 -15.23
CA GLN B 16 15.88 -3.01 -15.39
CA GLN B 16 15.88 -3.01 -15.39
C GLN B 16 17.37 -3.27 -15.18
N ASP B 17 18.15 -2.24 -14.82
CA ASP B 17 19.59 -2.39 -14.65
C ASP B 17 19.88 -2.81 -13.21
N PRO B 18 20.36 -4.04 -12.96
CA PRO B 18 20.64 -4.44 -11.57
C PRO B 18 21.56 -3.48 -10.84
N LYS B 19 22.54 -2.91 -11.53
CA LYS B 19 23.46 -1.96 -10.90
C LYS B 19 22.78 -0.67 -10.48
N MET B 20 21.62 -0.34 -11.07
CA MET B 20 20.89 0.87 -10.71
C MET B 20 19.80 0.63 -9.68
N GLN B 21 19.45 -0.61 -9.40
CA GLN B 21 18.32 -0.94 -8.53
C GLN B 21 18.75 -0.83 -7.08
N VAL B 22 18.34 0.26 -6.42
CA VAL B 22 18.58 0.40 -4.99
C VAL B 22 17.72 -0.60 -4.22
N TYR B 23 16.54 -0.92 -4.73
CA TYR B 23 15.61 -1.82 -4.08
C TYR B 23 14.58 -2.25 -5.11
N LYS B 24 14.11 -3.48 -4.99
CA LYS B 24 13.02 -3.92 -5.86
C LYS B 24 12.27 -5.04 -5.18
N ASP B 25 10.97 -5.11 -5.46
CA ASP B 25 10.13 -6.24 -5.05
C ASP B 25 9.18 -6.53 -6.21
N GLU B 26 8.09 -7.24 -5.91
CA GLU B 26 7.18 -7.68 -6.95
C GLU B 26 6.40 -6.52 -7.57
N GLN B 27 6.38 -5.35 -6.92
CA GLN B 27 5.55 -4.24 -7.35
C GLN B 27 6.32 -3.02 -7.84
N VAL B 28 7.49 -2.73 -7.25
CA VAL B 28 8.20 -1.49 -7.53
C VAL B 28 9.70 -1.75 -7.57
N VAL B 29 10.39 -0.80 -8.21
CA VAL B 29 11.85 -0.73 -8.20
C VAL B 29 12.22 0.67 -7.76
N VAL B 30 13.34 0.79 -7.06
CA VAL B 30 13.84 2.07 -6.58
C VAL B 30 15.21 2.30 -7.20
N ILE B 31 15.38 3.46 -7.85
CA ILE B 31 16.66 3.87 -8.39
C ILE B 31 16.91 5.31 -7.96
N LYS B 32 18.18 5.69 -7.94
CA LYS B 32 18.52 7.09 -7.77
C LYS B 32 18.14 7.87 -9.02
N ASP B 33 17.62 9.09 -8.82
CA ASP B 33 17.36 9.95 -9.96
C ASP B 33 18.67 10.28 -10.66
N LYS B 34 18.67 10.18 -11.99
CA LYS B 34 19.89 10.45 -12.76
C LYS B 34 20.32 11.90 -12.67
N TYR B 35 19.41 12.81 -12.35
CA TYR B 35 19.70 14.24 -12.27
C TYR B 35 19.18 14.75 -10.94
N PRO B 36 19.81 14.33 -9.84
CA PRO B 36 19.26 14.63 -8.52
C PRO B 36 19.16 16.13 -8.27
N LYS B 37 18.03 16.54 -7.69
CA LYS B 37 17.81 17.92 -7.30
C LYS B 37 18.13 18.17 -5.83
N ALA B 38 18.76 17.21 -5.16
CA ALA B 38 19.14 17.36 -3.76
C ALA B 38 20.16 16.27 -3.43
N ARG B 39 20.65 16.31 -2.19
CA ARG B 39 21.66 15.32 -1.76
C ARG B 39 21.15 13.90 -1.91
N TYR B 40 19.89 13.67 -1.56
CA TYR B 40 19.24 12.38 -1.75
C TYR B 40 18.01 12.59 -2.62
N HIS B 41 17.87 11.77 -3.66
CA HIS B 41 16.77 11.92 -4.60
C HIS B 41 16.56 10.55 -5.27
N TRP B 42 15.56 9.81 -4.82
CA TRP B 42 15.22 8.52 -5.38
C TRP B 42 13.89 8.58 -6.10
N LEU B 43 13.67 7.60 -6.98
CA LEU B 43 12.41 7.39 -7.66
C LEU B 43 11.89 6.01 -7.31
N VAL B 44 10.63 5.94 -6.88
CA VAL B 44 9.95 4.66 -6.66
C VAL B 44 9.03 4.45 -7.84
N LEU B 45 9.32 3.44 -8.66
CA LEU B 45 8.67 3.26 -9.93
C LEU B 45 7.95 1.92 -9.96
N PRO B 46 6.66 1.87 -10.32
CA PRO B 46 5.97 0.58 -10.39
C PRO B 46 6.29 -0.18 -11.68
N TRP B 47 6.28 -1.51 -11.56
CA TRP B 47 6.47 -2.35 -12.74
C TRP B 47 5.31 -2.19 -13.72
N THR B 48 4.07 -2.12 -13.21
CA THR B 48 2.90 -1.86 -14.02
C THR B 48 2.66 -0.35 -13.99
N SER B 49 2.98 0.31 -15.09
CA SER B 49 2.99 1.77 -15.11
C SER B 49 1.56 2.32 -15.03
N ILE B 50 1.47 3.59 -14.66
CA ILE B 50 0.23 4.35 -14.64
C ILE B 50 0.42 5.57 -15.53
N SER B 51 -0.48 5.76 -16.48
CA SER B 51 -0.28 6.78 -17.52
C SER B 51 -0.02 8.15 -16.91
N SER B 52 -0.82 8.54 -15.92
CA SER B 52 -0.65 9.83 -15.26
C SER B 52 -1.52 9.83 -14.02
N LEU B 53 -1.37 10.89 -13.21
CA LEU B 53 -2.18 11.02 -12.01
C LEU B 53 -3.67 11.07 -12.34
N LYS B 54 -4.02 11.63 -13.49
CA LYS B 54 -5.43 11.72 -13.87
C LYS B 54 -6.02 10.35 -14.16
N ALA B 55 -5.19 9.33 -14.41
CA ALA B 55 -5.67 7.98 -14.63
C ALA B 55 -5.75 7.17 -13.34
N VAL B 56 -5.25 7.69 -12.22
CA VAL B 56 -5.28 6.95 -10.97
C VAL B 56 -6.73 6.70 -10.56
N ALA B 57 -6.99 5.47 -10.10
CA ALA B 57 -8.31 5.07 -9.62
C ALA B 57 -8.12 4.27 -8.34
N ARG B 58 -9.24 3.78 -7.80
CA ARG B 58 -9.18 3.01 -6.56
C ARG B 58 -8.35 1.75 -6.70
N GLU B 59 -8.31 1.17 -7.91
CA GLU B 59 -7.55 -0.05 -8.12
C GLU B 59 -6.06 0.16 -7.90
N HIS B 60 -5.57 1.39 -7.98
CA HIS B 60 -4.16 1.69 -7.77
C HIS B 60 -3.82 2.02 -6.32
N LEU B 61 -4.79 1.93 -5.41
CA LEU B 61 -4.59 2.47 -4.07
C LEU B 61 -3.54 1.68 -3.30
N GLU B 62 -3.60 0.34 -3.35
N GLU B 62 -3.64 0.34 -3.33
CA GLU B 62 -2.60 -0.44 -2.63
CA GLU B 62 -2.62 -0.49 -2.67
C GLU B 62 -1.20 -0.21 -3.21
C GLU B 62 -1.23 -0.16 -3.20
N LEU B 63 -1.10 -0.02 -4.52
CA LEU B 63 0.20 0.27 -5.11
C LEU B 63 0.73 1.63 -4.65
N LEU B 64 -0.14 2.64 -4.60
CA LEU B 64 0.28 3.94 -4.10
C LEU B 64 0.72 3.85 -2.64
N LYS B 65 -0.01 3.12 -1.81
CA LYS B 65 0.40 2.93 -0.43
C LYS B 65 1.73 2.20 -0.36
N HIS B 66 1.90 1.16 -1.18
CA HIS B 66 3.14 0.40 -1.17
C HIS B 66 4.32 1.28 -1.55
N MET B 67 4.14 2.14 -2.55
CA MET B 67 5.22 3.03 -2.97
C MET B 67 5.58 4.00 -1.86
N HIS B 68 4.58 4.50 -1.14
CA HIS B 68 4.84 5.36 0.02
C HIS B 68 5.64 4.62 1.07
N THR B 69 5.20 3.40 1.40
CA THR B 69 5.89 2.60 2.42
CA THR B 69 5.90 2.63 2.44
C THR B 69 7.33 2.31 2.02
N VAL B 70 7.54 1.94 0.75
CA VAL B 70 8.89 1.67 0.25
C VAL B 70 9.74 2.93 0.31
N GLY B 71 9.17 4.07 -0.07
CA GLY B 71 9.92 5.32 -0.02
C GLY B 71 10.42 5.63 1.38
N GLU B 72 9.56 5.45 2.39
CA GLU B 72 10.00 5.73 3.76
C GLU B 72 11.04 4.71 4.22
N LYS B 73 10.92 3.46 3.78
CA LYS B 73 11.94 2.46 4.09
C LYS B 73 13.29 2.84 3.50
N VAL B 74 13.29 3.36 2.27
CA VAL B 74 14.56 3.73 1.62
C VAL B 74 15.25 4.83 2.40
N ILE B 75 14.48 5.82 2.87
CA ILE B 75 15.06 6.88 3.70
C ILE B 75 15.77 6.29 4.91
N VAL B 76 15.13 5.34 5.58
CA VAL B 76 15.70 4.75 6.78
C VAL B 76 16.98 3.97 6.45
N ASP B 77 16.93 3.16 5.39
CA ASP B 77 18.03 2.23 5.12
C ASP B 77 19.22 2.89 4.45
N PHE B 78 18.99 3.97 3.69
CA PHE B 78 20.05 4.58 2.91
C PHE B 78 20.35 6.03 3.30
N ALA B 79 19.54 6.63 4.17
CA ALA B 79 19.80 7.97 4.68
C ALA B 79 19.43 8.04 6.16
N GLY B 80 19.76 6.98 6.90
CA GLY B 80 19.38 6.87 8.30
C GLY B 80 19.86 8.01 9.17
N SER B 81 21.17 8.21 9.25
CA SER B 81 21.76 9.20 10.13
C SER B 81 22.04 10.53 9.42
N SER B 82 21.50 10.69 8.22
N SER B 82 21.31 10.84 8.34
CA SER B 82 21.27 12.02 7.68
CA SER B 82 21.62 12.05 7.58
C SER B 82 20.26 12.72 8.56
C SER B 82 21.16 13.33 8.28
N LYS B 83 20.60 13.92 9.00
N LYS B 83 20.07 13.24 9.07
CA LYS B 83 19.66 14.71 9.78
CA LYS B 83 19.46 14.37 9.80
C LYS B 83 18.68 15.45 8.89
C LYS B 83 18.75 15.37 8.90
N LEU B 84 18.49 15.02 7.65
CA LEU B 84 17.78 15.87 6.70
C LEU B 84 16.29 15.59 6.70
N ARG B 85 15.52 16.65 6.47
CA ARG B 85 14.10 16.50 6.22
C ARG B 85 13.88 15.93 4.82
N PHE B 86 12.86 15.10 4.67
CA PHE B 86 12.50 14.51 3.39
C PHE B 86 11.06 14.84 3.05
N ARG B 87 10.77 14.90 1.75
CA ARG B 87 9.42 14.94 1.24
C ARG B 87 9.26 13.84 0.20
N MET B 88 8.02 13.35 0.06
CA MET B 88 7.69 12.34 -0.93
C MET B 88 6.44 12.78 -1.67
N GLY B 89 6.46 12.73 -3.00
CA GLY B 89 5.30 13.17 -3.75
C GLY B 89 5.48 13.02 -5.24
N TYR B 90 4.48 13.51 -5.96
CA TYR B 90 4.36 13.35 -7.40
C TYR B 90 4.24 14.70 -8.08
N HIS B 91 4.89 14.83 -9.24
CA HIS B 91 4.68 16.00 -10.08
C HIS B 91 3.29 15.93 -10.69
N ALA B 92 2.57 17.06 -10.64
CA ALA B 92 1.23 17.11 -11.23
C ALA B 92 1.23 16.54 -12.63
N ILE B 93 2.23 16.91 -13.43
CA ILE B 93 2.34 16.42 -14.79
C ILE B 93 3.69 15.73 -14.93
N PRO B 94 3.77 14.52 -15.50
CA PRO B 94 5.09 13.90 -15.70
C PRO B 94 5.87 14.62 -16.79
N SER B 95 7.17 14.79 -16.56
CA SER B 95 8.02 15.41 -17.58
C SER B 95 8.16 14.51 -18.81
N MET B 96 8.05 13.20 -18.63
CA MET B 96 8.11 12.27 -19.74
C MET B 96 6.79 11.52 -19.84
N SER B 97 6.67 10.42 -19.09
CA SER B 97 5.42 9.70 -19.00
C SER B 97 5.42 8.90 -17.70
N HIS B 98 4.25 8.39 -17.35
CA HIS B 98 4.10 7.47 -16.23
C HIS B 98 4.27 8.16 -14.89
N VAL B 99 3.62 7.61 -13.87
CA VAL B 99 3.66 8.17 -12.52
C VAL B 99 4.86 7.59 -11.79
N HIS B 100 5.65 8.46 -11.16
CA HIS B 100 6.81 8.07 -10.38
C HIS B 100 6.81 8.86 -9.07
N LEU B 101 7.04 8.16 -7.97
CA LEU B 101 7.14 8.80 -6.66
C LEU B 101 8.55 9.34 -6.45
N HIS B 102 8.64 10.61 -6.10
CA HIS B 102 9.92 11.26 -5.79
C HIS B 102 10.17 11.23 -4.29
N VAL B 103 11.36 10.77 -3.89
CA VAL B 103 11.79 10.77 -2.50
C VAL B 103 13.04 11.65 -2.45
N ILE B 104 12.90 12.88 -1.98
CA ILE B 104 13.93 13.89 -2.14
C ILE B 104 14.16 14.61 -0.83
N SER B 105 15.43 14.74 -0.43
CA SER B 105 15.78 15.52 0.76
C SER B 105 15.58 17.00 0.51
N GLN B 106 15.37 17.75 1.59
CA GLN B 106 14.95 19.14 1.49
C GLN B 106 16.12 20.13 1.58
N ASP B 107 17.35 19.65 1.39
CA ASP B 107 18.48 20.56 1.25
C ASP B 107 18.48 21.23 -0.12
N PHE B 108 18.03 20.52 -1.16
CA PHE B 108 18.08 21.02 -2.53
C PHE B 108 19.48 21.52 -2.88
N ASP B 109 20.48 20.80 -2.40
CA ASP B 109 21.88 21.09 -2.65
C ASP B 109 22.37 20.13 -3.73
N SER B 110 22.34 20.58 -4.98
CA SER B 110 22.78 19.73 -6.08
C SER B 110 23.08 20.59 -7.29
N PRO B 111 24.18 20.35 -8.01
CA PRO B 111 24.43 21.11 -9.25
C PRO B 111 23.33 20.99 -10.28
N CYS B 112 22.55 19.91 -10.25
CA CYS B 112 21.51 19.71 -11.26
C CYS B 112 20.32 20.65 -11.06
N LEU B 113 20.17 21.25 -9.89
CA LEU B 113 19.16 22.28 -9.69
C LEU B 113 19.63 23.55 -10.38
N LYS B 114 19.01 23.88 -11.52
CA LYS B 114 19.52 24.93 -12.39
C LYS B 114 18.51 25.97 -12.84
N ASN B 115 17.21 25.70 -12.82
CA ASN B 115 16.24 26.63 -13.37
C ASN B 115 14.96 26.66 -12.54
N LYS B 116 14.12 27.65 -12.85
CA LYS B 116 12.90 27.87 -12.08
C LYS B 116 11.97 26.67 -12.13
N LYS B 117 11.88 26.00 -13.28
CA LYS B 117 11.04 24.82 -13.40
C LYS B 117 11.44 23.77 -12.37
N HIS B 118 12.74 23.53 -12.23
CA HIS B 118 13.21 22.58 -11.23
C HIS B 118 12.70 22.95 -9.85
N TRP B 119 12.86 24.23 -9.46
CA TRP B 119 12.49 24.64 -8.10
C TRP B 119 10.99 24.52 -7.89
N ASN B 120 10.19 25.07 -8.80
CA ASN B 120 8.75 25.10 -8.59
C ASN B 120 8.13 23.73 -8.76
N SER B 121 8.78 22.81 -9.47
CA SER B 121 8.26 21.45 -9.58
C SER B 121 8.31 20.73 -8.23
N PHE B 122 9.14 21.18 -7.29
CA PHE B 122 9.23 20.56 -5.99
C PHE B 122 8.79 21.48 -4.85
N ASN B 123 8.41 22.73 -5.12
CA ASN B 123 8.10 23.67 -4.06
C ASN B 123 6.87 24.51 -4.37
N THR B 124 5.95 23.98 -5.17
CA THR B 124 4.64 24.57 -5.36
C THR B 124 3.61 23.45 -5.31
N GLU B 125 2.34 23.79 -5.52
CA GLU B 125 1.29 22.79 -5.63
CA GLU B 125 1.32 22.76 -5.60
C GLU B 125 1.54 21.83 -6.79
N TYR B 126 2.47 22.15 -7.69
CA TYR B 126 2.88 21.22 -8.73
C TYR B 126 3.37 19.91 -8.13
N PHE B 127 3.85 19.93 -6.89
CA PHE B 127 4.38 18.75 -6.21
C PHE B 127 3.33 18.27 -5.22
N LEU B 128 2.68 17.16 -5.55
CA LEU B 128 1.59 16.62 -4.74
C LEU B 128 2.15 15.61 -3.75
N GLU B 129 1.97 15.88 -2.46
CA GLU B 129 2.47 15.00 -1.41
C GLU B 129 1.92 13.59 -1.58
N SER B 130 2.76 12.59 -1.31
CA SER B 130 2.31 11.20 -1.41
C SER B 130 1.13 10.94 -0.50
N GLN B 131 1.23 11.34 0.77
CA GLN B 131 0.13 11.13 1.71
C GLN B 131 -1.13 11.84 1.23
N ALA B 132 -0.99 13.05 0.71
CA ALA B 132 -2.14 13.77 0.18
C ALA B 132 -2.76 13.05 -1.01
N VAL B 133 -1.92 12.49 -1.89
CA VAL B 133 -2.42 11.74 -3.03
C VAL B 133 -3.20 10.51 -2.56
N ILE B 134 -2.63 9.77 -1.61
CA ILE B 134 -3.27 8.56 -1.11
C ILE B 134 -4.64 8.90 -0.53
N GLU B 135 -4.69 9.93 0.32
CA GLU B 135 -5.94 10.29 0.96
C GLU B 135 -6.95 10.81 -0.04
N MET B 136 -6.49 11.47 -1.11
CA MET B 136 -7.40 11.85 -2.19
C MET B 136 -8.05 10.61 -2.80
N VAL B 137 -7.26 9.58 -3.09
CA VAL B 137 -7.79 8.37 -3.69
C VAL B 137 -8.65 7.61 -2.70
N GLN B 138 -8.24 7.59 -1.43
CA GLN B 138 -9.00 6.84 -0.42
C GLN B 138 -10.40 7.42 -0.26
N GLU B 139 -10.53 8.75 -0.36
CA GLU B 139 -11.82 9.41 -0.15
C GLU B 139 -12.66 9.48 -1.42
N ALA B 140 -12.05 9.86 -2.54
CA ALA B 140 -12.79 10.13 -3.77
C ALA B 140 -12.47 9.19 -4.92
N GLY B 141 -11.55 8.24 -4.74
CA GLY B 141 -11.21 7.31 -5.80
C GLY B 141 -10.52 7.94 -7.00
N ARG B 142 -10.07 9.18 -6.89
CA ARG B 142 -9.34 9.83 -7.96
C ARG B 142 -8.42 10.87 -7.35
N VAL B 143 -7.46 11.33 -8.16
CA VAL B 143 -6.54 12.38 -7.75
C VAL B 143 -7.04 13.70 -8.32
N THR B 144 -7.14 14.71 -7.46
CA THR B 144 -7.57 16.04 -7.89
C THR B 144 -6.35 16.79 -8.42
N VAL B 145 -6.31 17.01 -9.73
CA VAL B 145 -5.24 17.75 -10.39
C VAL B 145 -5.88 19.00 -10.99
N ARG B 146 -5.62 20.15 -10.37
CA ARG B 146 -6.22 21.39 -10.82
C ARG B 146 -5.58 21.85 -12.13
N ASP B 147 -6.39 22.49 -12.96
CA ASP B 147 -5.88 23.06 -14.20
C ASP B 147 -4.89 24.18 -13.90
N GLY B 148 -4.12 24.55 -14.91
CA GLY B 148 -3.15 25.62 -14.77
C GLY B 148 -1.87 25.24 -14.07
N MET B 149 -1.58 23.95 -13.92
CA MET B 149 -0.34 23.54 -13.26
C MET B 149 0.90 24.13 -13.91
N PRO B 150 1.05 24.13 -15.24
CA PRO B 150 2.25 24.73 -15.83
C PRO B 150 2.50 26.15 -15.38
N GLU B 151 1.44 26.90 -15.06
CA GLU B 151 1.59 28.27 -14.60
C GLU B 151 2.35 28.34 -13.28
N LEU B 152 2.15 27.35 -12.40
CA LEU B 152 2.84 27.34 -11.13
C LEU B 152 4.35 27.23 -11.33
N LEU B 153 4.79 26.61 -12.43
CA LEU B 153 6.22 26.49 -12.70
C LEU B 153 6.87 27.83 -12.99
N LYS B 154 6.08 28.84 -13.34
CA LYS B 154 6.58 30.18 -13.60
C LYS B 154 6.61 31.07 -12.36
N LEU B 155 6.08 30.59 -11.23
CA LEU B 155 5.98 31.43 -10.05
C LEU B 155 7.35 31.98 -9.65
N PRO B 156 7.40 33.20 -9.12
CA PRO B 156 8.67 33.73 -8.63
C PRO B 156 9.29 32.80 -7.60
N LEU B 157 10.62 32.75 -7.60
CA LEU B 157 11.34 31.88 -6.67
C LEU B 157 11.06 32.29 -5.24
N ARG B 158 10.75 31.30 -4.41
CA ARG B 158 10.49 31.54 -2.98
C ARG B 158 11.11 30.40 -2.19
N CYS B 159 11.89 30.76 -1.16
CA CYS B 159 12.50 29.74 -0.32
C CYS B 159 11.43 28.91 0.36
N HIS B 160 11.72 27.61 0.53
CA HIS B 160 10.78 26.69 1.14
C HIS B 160 10.90 26.65 2.66
N GLU B 161 11.95 27.24 3.23
CA GLU B 161 12.13 27.27 4.68
C GLU B 161 11.56 28.55 5.30
N CYS B 162 11.91 29.71 4.73
CA CYS B 162 11.51 31.00 5.27
C CYS B 162 10.62 31.81 4.33
N GLN B 163 10.28 31.29 3.16
CA GLN B 163 9.38 31.93 2.22
C GLN B 163 9.92 33.26 1.70
N GLN B 164 11.21 33.51 1.86
CA GLN B 164 11.81 34.73 1.34
C GLN B 164 11.87 34.66 -0.19
N LEU B 165 11.45 35.73 -0.85
CA LEU B 165 11.50 35.80 -2.31
C LEU B 165 12.93 36.05 -2.77
N LEU B 166 13.33 35.30 -3.81
CA LEU B 166 14.66 35.43 -4.37
C LEU B 166 14.57 35.78 -5.85
N PRO B 167 15.46 36.64 -6.36
CA PRO B 167 15.33 37.11 -7.75
C PRO B 167 15.90 36.16 -8.79
N SER B 168 16.79 35.24 -8.43
CA SER B 168 17.41 34.38 -9.43
C SER B 168 17.81 33.05 -8.81
N ILE B 169 18.12 32.09 -9.69
CA ILE B 169 18.61 30.79 -9.22
C ILE B 169 19.95 30.93 -8.50
N PRO B 170 20.96 31.60 -9.05
CA PRO B 170 22.22 31.76 -8.30
C PRO B 170 22.01 32.33 -6.90
N GLN B 171 21.15 33.35 -6.76
CA GLN B 171 20.91 33.92 -5.44
C GLN B 171 20.10 32.97 -4.57
N LEU B 172 19.16 32.23 -5.16
CA LEU B 172 18.43 31.21 -4.41
C LEU B 172 19.39 30.15 -3.87
N LYS B 173 20.16 29.52 -4.76
CA LYS B 173 21.08 28.48 -4.31
C LYS B 173 22.03 29.01 -3.24
N GLU B 174 22.40 30.29 -3.32
CA GLU B 174 23.20 30.89 -2.26
C GLU B 174 22.39 30.98 -0.96
N HIS B 175 21.16 31.48 -1.04
CA HIS B 175 20.34 31.64 0.15
C HIS B 175 20.12 30.31 0.84
N LEU B 176 19.95 29.22 0.08
CA LEU B 176 19.66 27.93 0.68
C LEU B 176 20.81 27.41 1.54
N ARG B 177 22.02 27.93 1.36
CA ARG B 177 23.14 27.49 2.17
C ARG B 177 22.97 27.87 3.64
N LYS B 178 22.14 28.89 3.93
CA LYS B 178 21.96 29.31 5.31
C LYS B 178 21.17 28.28 6.10
N HIS B 179 20.17 27.67 5.47
CA HIS B 179 19.27 26.72 6.13
C HIS B 179 19.91 25.35 6.35
N TRP B 180 21.23 25.25 6.30
CA TRP B 180 21.91 23.97 6.49
C TRP B 180 22.52 23.88 7.89
#